data_5C87
#
_entry.id   5C87
#
_cell.length_a   60.559
_cell.length_b   60.559
_cell.length_c   63.599
_cell.angle_alpha   90.00
_cell.angle_beta   90.00
_cell.angle_gamma   120.00
#
_symmetry.space_group_name_H-M   'P 32 2 1'
#
loop_
_entity.id
_entity.type
_entity.pdbx_description
1 polymer Peregrin
2 non-polymer 'NITRATE ION'
3 non-polymer isoquinolin-1(2H)-one
4 water water
#
_entity_poly.entity_id   1
_entity_poly.type   'polypeptide(L)'
_entity_poly.pdbx_seq_one_letter_code
;SMEMQLTPFLILLRKTLEQLQEKDTGNIFSEPVPLSEVPDYLDHIKKPMDFFTMKQNLEAYRYLNFDDFEEDFNLIVSNC
LKYNAKDTIFYRAAVRLREQGGAVLRQARRQAEKMG
;
_entity_poly.pdbx_strand_id   A
#
loop_
_chem_comp.id
_chem_comp.type
_chem_comp.name
_chem_comp.formula
4YS non-polymer isoquinolin-1(2H)-one 'C9 H7 N O'
NO3 non-polymer 'NITRATE ION' 'N O3 -1'
#
# COMPACT_ATOMS: atom_id res chain seq x y z
N MET A 4 11.79 5.87 20.57
CA MET A 4 12.17 5.12 19.38
C MET A 4 13.07 5.93 18.46
N GLN A 5 14.06 5.26 17.86
CA GLN A 5 15.00 5.90 16.94
C GLN A 5 14.48 5.85 15.51
N LEU A 6 14.73 6.90 14.75
CA LEU A 6 14.21 7.01 13.40
C LEU A 6 14.80 5.96 12.44
N THR A 7 16.11 5.84 12.42
CA THR A 7 16.77 5.00 11.40
C THR A 7 16.31 3.53 11.39
N PRO A 8 16.27 2.85 12.55
CA PRO A 8 15.79 1.45 12.50
C PRO A 8 14.33 1.34 12.09
N PHE A 9 13.54 2.34 12.45
CA PHE A 9 12.13 2.31 12.08
C PHE A 9 12.01 2.42 10.57
N LEU A 10 12.76 3.33 9.97
CA LEU A 10 12.64 3.50 8.52
C LEU A 10 13.19 2.28 7.79
N ILE A 11 14.22 1.65 8.36
CA ILE A 11 14.74 0.41 7.79
C ILE A 11 13.65 -0.67 7.79
N LEU A 12 12.92 -0.76 8.90
CA LEU A 12 11.80 -1.69 9.02
C LEU A 12 10.72 -1.39 8.00
N LEU A 13 10.38 -0.11 7.84
CA LEU A 13 9.32 0.24 6.90
C LEU A 13 9.76 -0.05 5.46
N ARG A 14 11.04 0.15 5.14
CA ARG A 14 11.55 -0.15 3.80
C ARG A 14 11.41 -1.63 3.52
N LYS A 15 11.77 -2.46 4.49
CA LYS A 15 11.65 -3.91 4.31
C LYS A 15 10.20 -4.32 4.16
N THR A 16 9.34 -3.71 4.97
CA THR A 16 7.93 -4.03 4.96
C THR A 16 7.32 -3.67 3.62
N LEU A 17 7.67 -2.50 3.09
CA LEU A 17 7.15 -2.07 1.80
C LEU A 17 7.61 -3.03 0.71
N GLU A 18 8.85 -3.50 0.79
CA GLU A 18 9.36 -4.47 -0.18
C GLU A 18 8.54 -5.75 -0.10
N GLN A 19 8.24 -6.18 1.12
CA GLN A 19 7.46 -7.41 1.32
C GLN A 19 6.05 -7.30 0.77
N LEU A 20 5.45 -6.13 0.93
CA LEU A 20 4.11 -5.90 0.41
C LEU A 20 4.12 -5.90 -1.10
N GLN A 21 5.11 -5.22 -1.66
CA GLN A 21 5.29 -5.16 -3.10
C GLN A 21 5.44 -6.56 -3.68
N GLU A 22 6.12 -7.44 -2.95
CA GLU A 22 6.30 -8.83 -3.38
C GLU A 22 4.98 -9.58 -3.53
N LYS A 23 3.98 -9.22 -2.74
CA LYS A 23 2.67 -9.87 -2.82
C LYS A 23 1.88 -9.43 -4.05
N ASP A 24 2.23 -8.28 -4.59
CA ASP A 24 1.60 -7.73 -5.80
C ASP A 24 2.38 -8.25 -7.00
N THR A 25 2.14 -9.51 -7.34
CA THR A 25 2.97 -10.18 -8.33
C THR A 25 2.75 -9.65 -9.74
N GLY A 26 1.55 -9.16 -10.01
CA GLY A 26 1.26 -8.54 -11.29
C GLY A 26 1.75 -7.11 -11.40
N ASN A 27 2.25 -6.56 -10.29
CA ASN A 27 2.71 -5.19 -10.24
C ASN A 27 1.62 -4.20 -10.63
N ILE A 28 0.37 -4.49 -10.27
CA ILE A 28 -0.67 -3.57 -10.71
C ILE A 28 -0.78 -2.38 -9.76
N PHE A 29 -0.13 -2.48 -8.61
CA PHE A 29 -0.14 -1.39 -7.64
C PHE A 29 1.21 -0.69 -7.49
N SER A 30 2.13 -0.97 -8.40
CA SER A 30 3.50 -0.46 -8.28
CA SER A 30 3.50 -0.47 -8.30
C SER A 30 3.60 1.03 -8.56
N GLU A 31 2.73 1.53 -9.43
CA GLU A 31 2.79 2.93 -9.86
C GLU A 31 1.40 3.54 -9.81
N PRO A 32 1.32 4.87 -9.82
CA PRO A 32 0.01 5.52 -9.82
C PRO A 32 -0.88 5.03 -10.95
N VAL A 33 -2.18 4.91 -10.67
CA VAL A 33 -3.15 4.65 -11.73
C VAL A 33 -3.00 5.72 -12.79
N PRO A 34 -2.69 5.32 -14.02
CA PRO A 34 -2.47 6.29 -15.11
C PRO A 34 -3.74 7.07 -15.42
N LEU A 35 -3.79 8.32 -15.00
CA LEU A 35 -4.97 9.15 -15.19
C LEU A 35 -5.24 9.40 -16.66
N SER A 36 -4.21 9.23 -17.49
CA SER A 36 -4.37 9.39 -18.93
C SER A 36 -5.14 8.21 -19.52
N GLU A 37 -5.11 7.07 -18.86
CA GLU A 37 -5.76 5.88 -19.39
C GLU A 37 -7.02 5.54 -18.60
N VAL A 38 -7.11 6.11 -17.40
CA VAL A 38 -8.30 6.01 -16.59
C VAL A 38 -8.77 7.43 -16.26
N PRO A 39 -9.37 8.11 -17.25
CA PRO A 39 -9.67 9.54 -17.15
C PRO A 39 -10.66 9.91 -16.05
N ASP A 40 -11.52 8.97 -15.65
CA ASP A 40 -12.55 9.28 -14.67
C ASP A 40 -12.15 8.88 -13.26
N TYR A 41 -10.88 8.51 -13.08
CA TYR A 41 -10.42 7.94 -11.82
C TYR A 41 -10.55 8.91 -10.65
N LEU A 42 -10.18 10.17 -10.87
CA LEU A 42 -10.22 11.16 -9.80
C LEU A 42 -11.64 11.62 -9.49
N ASP A 43 -12.59 11.28 -10.36
CA ASP A 43 -13.99 11.57 -10.10
C ASP A 43 -14.52 10.71 -8.94
N HIS A 44 -13.88 9.56 -8.73
CA HIS A 44 -14.35 8.60 -7.74
C HIS A 44 -13.39 8.45 -6.56
N ILE A 45 -12.10 8.62 -6.84
CA ILE A 45 -11.07 8.35 -5.85
C ILE A 45 -10.42 9.63 -5.33
N LYS A 46 -10.65 9.94 -4.06
CA LYS A 46 -10.23 11.23 -3.51
C LYS A 46 -8.73 11.27 -3.24
N LYS A 47 -8.16 10.14 -2.85
CA LYS A 47 -6.72 10.05 -2.61
C LYS A 47 -6.12 8.81 -3.25
N PRO A 48 -5.64 8.94 -4.49
CA PRO A 48 -4.92 7.83 -5.13
C PRO A 48 -3.71 7.42 -4.31
N MET A 49 -3.37 6.13 -4.35
CA MET A 49 -2.15 5.67 -3.69
C MET A 49 -1.59 4.46 -4.43
N ASP A 50 -0.28 4.27 -4.30
CA ASP A 50 0.43 3.19 -4.96
C ASP A 50 1.76 2.98 -4.27
N PHE A 51 2.47 1.90 -4.57
CA PHE A 51 3.69 1.62 -3.83
C PHE A 51 4.84 2.60 -4.13
N PHE A 52 4.92 3.12 -5.35
CA PHE A 52 5.97 4.07 -5.67
C PHE A 52 5.78 5.35 -4.85
N THR A 53 4.55 5.84 -4.81
CA THR A 53 4.24 7.00 -3.98
C THR A 53 4.53 6.71 -2.51
N MET A 54 4.23 5.50 -2.03
CA MET A 54 4.54 5.15 -0.66
C MET A 54 6.04 5.20 -0.39
N LYS A 55 6.84 4.71 -1.33
CA LYS A 55 8.29 4.79 -1.21
C LYS A 55 8.74 6.24 -1.08
N GLN A 56 8.17 7.11 -1.90
CA GLN A 56 8.51 8.53 -1.86
C GLN A 56 8.11 9.14 -0.52
N ASN A 57 6.93 8.78 -0.03
CA ASN A 57 6.48 9.28 1.26
C ASN A 57 7.38 8.81 2.39
N LEU A 58 7.76 7.53 2.33
CA LEU A 58 8.63 6.95 3.35
C LEU A 58 9.91 7.78 3.46
N GLU A 59 10.53 8.10 2.33
CA GLU A 59 11.80 8.80 2.33
C GLU A 59 11.62 10.29 2.64
N ALA A 60 10.38 10.77 2.55
CA ALA A 60 10.08 12.16 2.88
C ALA A 60 9.57 12.27 4.31
N TYR A 61 9.85 11.25 5.10
CA TYR A 61 9.49 11.18 6.52
C TYR A 61 8.00 11.38 6.79
N ARG A 62 7.17 11.04 5.82
CA ARG A 62 5.73 11.17 6.00
C ARG A 62 5.17 9.99 6.80
N TYR A 63 6.00 8.97 7.01
CA TYR A 63 5.60 7.84 7.87
C TYR A 63 6.49 7.75 9.10
N LEU A 64 6.00 8.28 10.21
CA LEU A 64 6.76 8.31 11.45
C LEU A 64 6.12 7.40 12.48
N ASN A 65 5.07 6.72 12.08
CA ASN A 65 4.48 5.67 12.89
C ASN A 65 3.88 4.60 11.99
N PHE A 66 3.61 3.44 12.54
CA PHE A 66 3.17 2.37 11.69
C PHE A 66 1.79 2.64 11.10
N ASP A 67 0.93 3.36 11.84
CA ASP A 67 -0.45 3.55 11.40
C ASP A 67 -0.53 4.38 10.13
N ASP A 68 0.32 5.39 10.00
CA ASP A 68 0.27 6.22 8.81
C ASP A 68 0.74 5.44 7.60
N PHE A 69 1.71 4.56 7.80
CA PHE A 69 2.17 3.64 6.76
C PHE A 69 1.04 2.72 6.32
N GLU A 70 0.42 2.06 7.30
CA GLU A 70 -0.65 1.11 7.03
C GLU A 70 -1.86 1.78 6.38
N GLU A 71 -2.14 3.03 6.76
CA GLU A 71 -3.27 3.77 6.22
C GLU A 71 -3.12 3.95 4.70
N ASP A 72 -1.90 4.24 4.24
CA ASP A 72 -1.71 4.42 2.80
C ASP A 72 -1.74 3.07 2.09
N PHE A 73 -1.25 2.01 2.72
CA PHE A 73 -1.39 0.68 2.14
C PHE A 73 -2.87 0.37 1.99
N ASN A 74 -3.65 0.68 3.02
CA ASN A 74 -5.07 0.39 2.98
C ASN A 74 -5.78 1.15 1.87
N LEU A 75 -5.27 2.34 1.55
CA LEU A 75 -5.82 3.13 0.44
C LEU A 75 -5.60 2.42 -0.90
N ILE A 76 -4.43 1.83 -1.09
CA ILE A 76 -4.15 1.06 -2.29
C ILE A 76 -5.25 0.03 -2.50
N VAL A 77 -5.54 -0.71 -1.45
CA VAL A 77 -6.58 -1.73 -1.49
C VAL A 77 -7.96 -1.12 -1.69
N SER A 78 -8.36 -0.19 -0.82
CA SER A 78 -9.72 0.31 -0.84
CA SER A 78 -9.72 0.31 -0.84
C SER A 78 -10.05 1.07 -2.12
N ASN A 79 -9.09 1.82 -2.65
CA ASN A 79 -9.34 2.56 -3.90
C ASN A 79 -9.69 1.57 -5.00
N CYS A 80 -8.95 0.47 -5.05
CA CYS A 80 -9.11 -0.53 -6.08
C CYS A 80 -10.44 -1.26 -5.95
N LEU A 81 -10.81 -1.60 -4.72
CA LEU A 81 -12.10 -2.24 -4.46
C LEU A 81 -13.24 -1.28 -4.86
N LYS A 82 -13.06 0.01 -4.60
CA LYS A 82 -14.08 1.00 -4.90
C LYS A 82 -14.26 1.18 -6.40
N TYR A 83 -13.15 1.36 -7.11
CA TYR A 83 -13.22 1.73 -8.50
C TYR A 83 -13.67 0.59 -9.42
N ASN A 84 -13.25 -0.63 -9.10
CA ASN A 84 -13.44 -1.77 -10.01
C ASN A 84 -14.60 -2.67 -9.61
N ALA A 85 -15.29 -3.22 -10.60
CA ALA A 85 -16.39 -4.15 -10.36
C ALA A 85 -15.88 -5.45 -9.74
N LYS A 86 -16.75 -6.16 -9.02
CA LYS A 86 -16.33 -7.35 -8.29
C LYS A 86 -15.87 -8.46 -9.21
N ASP A 87 -16.33 -8.47 -10.45
CA ASP A 87 -16.01 -9.58 -11.34
C ASP A 87 -14.74 -9.31 -12.15
N THR A 88 -13.90 -8.39 -11.68
CA THR A 88 -12.67 -8.10 -12.38
C THR A 88 -11.43 -8.68 -11.71
N ILE A 89 -10.38 -8.88 -12.51
CA ILE A 89 -9.08 -9.22 -11.98
C ILE A 89 -8.59 -8.19 -10.94
N PHE A 90 -8.75 -6.90 -11.25
CA PHE A 90 -8.28 -5.86 -10.35
C PHE A 90 -8.93 -5.95 -8.97
N TYR A 91 -10.25 -6.15 -8.94
CA TYR A 91 -10.92 -6.23 -7.65
C TYR A 91 -10.39 -7.43 -6.86
N ARG A 92 -10.26 -8.58 -7.53
N ARG A 92 -10.28 -8.59 -7.52
CA ARG A 92 -9.80 -9.79 -6.86
CA ARG A 92 -9.79 -9.78 -6.81
C ARG A 92 -8.32 -9.70 -6.44
C ARG A 92 -8.35 -9.57 -6.34
N ALA A 93 -7.54 -8.92 -7.18
CA ALA A 93 -6.16 -8.63 -6.79
C ALA A 93 -6.08 -7.80 -5.52
N ALA A 94 -6.98 -6.83 -5.37
CA ALA A 94 -7.01 -6.00 -4.17
C ALA A 94 -7.43 -6.83 -2.96
N VAL A 95 -8.40 -7.73 -3.13
CA VAL A 95 -8.80 -8.62 -2.04
C VAL A 95 -7.59 -9.47 -1.61
N ARG A 96 -6.87 -10.01 -2.60
CA ARG A 96 -5.73 -10.88 -2.27
C ARG A 96 -4.63 -10.08 -1.59
N LEU A 97 -4.42 -8.86 -2.04
CA LEU A 97 -3.40 -8.02 -1.43
C LEU A 97 -3.77 -7.67 0.01
N ARG A 98 -5.05 -7.41 0.25
CA ARG A 98 -5.53 -7.15 1.60
C ARG A 98 -5.21 -8.34 2.49
N GLU A 99 -5.48 -9.53 1.99
CA GLU A 99 -5.27 -10.76 2.77
C GLU A 99 -3.80 -11.01 3.02
N GLN A 100 -3.03 -11.05 1.96
CA GLN A 100 -1.61 -11.39 2.08
C GLN A 100 -0.84 -10.26 2.75
N GLY A 101 -1.23 -9.03 2.47
CA GLY A 101 -0.61 -7.85 3.07
C GLY A 101 -0.84 -7.70 4.56
N GLY A 102 -2.06 -8.05 5.00
CA GLY A 102 -2.40 -7.95 6.42
C GLY A 102 -1.43 -8.73 7.29
N ALA A 103 -1.06 -9.92 6.83
CA ALA A 103 -0.12 -10.76 7.55
C ALA A 103 1.28 -10.15 7.61
N VAL A 104 1.71 -9.59 6.49
CA VAL A 104 3.00 -8.89 6.42
C VAL A 104 2.99 -7.74 7.43
N LEU A 105 1.87 -7.02 7.49
CA LEU A 105 1.76 -5.85 8.34
C LEU A 105 1.75 -6.19 9.82
N ARG A 106 1.03 -7.25 10.17
CA ARG A 106 0.95 -7.65 11.57
C ARG A 106 2.34 -8.01 12.11
N GLN A 107 3.14 -8.72 11.33
CA GLN A 107 4.46 -9.10 11.77
C GLN A 107 5.39 -7.89 11.85
N ALA A 108 5.26 -6.98 10.91
CA ALA A 108 6.12 -5.80 10.91
C ALA A 108 5.79 -4.89 12.08
N ARG A 109 4.51 -4.82 12.42
CA ARG A 109 4.08 -3.96 13.51
C ARG A 109 4.60 -4.48 14.85
N ARG A 110 4.65 -5.80 14.98
N ARG A 110 4.64 -5.79 14.99
CA ARG A 110 5.18 -6.43 16.19
CA ARG A 110 5.20 -6.40 16.20
C ARG A 110 6.65 -6.07 16.38
C ARG A 110 6.64 -5.97 16.38
N GLN A 111 7.37 -5.94 15.28
CA GLN A 111 8.78 -5.59 15.33
C GLN A 111 8.98 -4.10 15.61
N ALA A 112 8.04 -3.27 15.15
CA ALA A 112 8.06 -1.85 15.48
C ALA A 112 7.78 -1.66 16.97
N GLU A 113 6.86 -2.45 17.50
CA GLU A 113 6.45 -2.33 18.90
C GLU A 113 7.54 -2.81 19.86
N LYS A 114 8.49 -3.57 19.34
CA LYS A 114 9.64 -4.00 20.14
C LYS A 114 10.73 -2.93 20.16
N MET A 115 10.52 -1.87 19.40
CA MET A 115 11.46 -0.75 19.33
C MET A 115 11.18 0.25 20.44
N NO3 B . -14.79 -0.95 -1.31
O1 NO3 B . -14.65 -2.04 -0.52
O2 NO3 B . -14.07 0.25 -1.00
O3 NO3 B . -15.54 -1.03 -2.39
CAE 4YS C . -6.42 -0.22 -12.42
CAB 4YS C . -7.58 0.28 -13.00
CAC 4YS C . -8.50 0.97 -12.24
CAF 4YS C . -8.27 1.19 -10.88
CAK 4YS C . -7.12 0.69 -10.28
CAJ 4YS C . -6.19 -0.02 -11.06
CAG 4YS C . -5.04 -0.51 -10.46
CAD 4YS C . -4.82 -0.30 -9.10
NAH 4YS C . -5.76 0.41 -8.35
CAI 4YS C . -6.87 0.89 -8.92
OAA 4YS C . -7.79 1.58 -8.18
#